data_4RTJ
#
_entry.id   4RTJ
#
_cell.length_a   36.367
_cell.length_b   63.114
_cell.length_c   145.043
_cell.angle_alpha   90.00
_cell.angle_beta   90.00
_cell.angle_gamma   90.00
#
_symmetry.space_group_name_H-M   'P 21 21 21'
#
loop_
_entity.id
_entity.type
_entity.pdbx_description
1 polymer 'DNA adenine methylase'
2 polymer "DNA (5'-D(*TP*CP*TP*AP*GP*AP*TP*CP*TP*AP*GP*A)-3')"
3 non-polymer SINEFUNGIN
4 non-polymer 1,2-ETHANEDIOL
5 water water
#
loop_
_entity_poly.entity_id
_entity_poly.type
_entity_poly.pdbx_seq_one_letter_code
_entity_poly.pdbx_strand_id
1 'polypeptide(L)'
;MGSSHHHHHHSSGLVPRGSHMKKNRAFLKWAGGKYPLLDDIKRHLPKGECLVEPFVGAGSVFLNTDFSRYILADINSDLI
SLYNIVKMRTDEYVQAARELFVPETNCAEVYYQFREEFNKSQDPFRRAVLFLYLNRYGYNGLCRYNLRGEFNVPFGRYKK
PYFPEAELYHFAEKAQNAFFYCESYADSMARADDSSVVYCDPPYAPLSATANFTAYHTNSFTLEQQAHLAEIAEGLVERH
IPVLISNHDTMLTREWYQRAKLHVVKVRRSISSNGGTRKKVDELLALYKPGVVSPAKK
;
A
2 'polydeoxyribonucleotide' (DT)(DC)(DT)(DA)(DG)(DA)(DT)(DC)(DT)(DA)(DG)(DA) F,G
#
loop_
_chem_comp.id
_chem_comp.type
_chem_comp.name
_chem_comp.formula
DA DNA linking 2'-DEOXYADENOSINE-5'-MONOPHOSPHATE 'C10 H14 N5 O6 P'
DC DNA linking 2'-DEOXYCYTIDINE-5'-MONOPHOSPHATE 'C9 H14 N3 O7 P'
DG DNA linking 2'-DEOXYGUANOSINE-5'-MONOPHOSPHATE 'C10 H14 N5 O7 P'
DT DNA linking THYMIDINE-5'-MONOPHOSPHATE 'C10 H15 N2 O8 P'
EDO non-polymer 1,2-ETHANEDIOL 'C2 H6 O2'
SFG non-polymer SINEFUNGIN 'C15 H23 N7 O5'
#
# COMPACT_ATOMS: atom_id res chain seq x y z
N LYS A 23 -6.23 -13.55 9.82
CA LYS A 23 -5.98 -12.28 9.15
C LYS A 23 -4.70 -11.61 9.64
N ASN A 24 -3.76 -11.40 8.73
CA ASN A 24 -2.49 -10.76 9.07
C ASN A 24 -2.57 -9.25 8.88
N ARG A 25 -2.01 -8.51 9.82
CA ARG A 25 -2.00 -7.05 9.75
C ARG A 25 -0.68 -6.52 9.19
N ALA A 26 -0.75 -5.39 8.50
CA ALA A 26 0.44 -4.69 8.06
C ALA A 26 1.12 -4.03 9.26
N PHE A 27 2.41 -3.76 9.15
CA PHE A 27 3.13 -3.14 10.26
C PHE A 27 3.09 -1.61 10.14
N LEU A 28 2.46 -1.12 9.08
CA LEU A 28 2.33 0.31 8.85
C LEU A 28 0.89 0.78 8.87
N LYS A 29 0.66 1.96 9.45
CA LYS A 29 -0.60 2.66 9.26
C LYS A 29 -0.58 3.24 7.85
N TRP A 30 -1.65 3.02 7.09
CA TRP A 30 -1.65 3.47 5.70
C TRP A 30 -3.06 3.77 5.19
N ALA A 31 -3.16 4.84 4.40
CA ALA A 31 -4.45 5.26 3.85
C ALA A 31 -4.96 4.23 2.85
N GLY A 32 -6.26 3.93 2.93
CA GLY A 32 -6.88 2.99 2.03
C GLY A 32 -6.45 1.55 2.27
N GLY A 33 -6.20 1.20 3.52
CA GLY A 33 -5.85 -0.16 3.88
C GLY A 33 -7.01 -1.10 3.59
N LYS A 34 -6.71 -2.21 2.93
CA LYS A 34 -7.75 -3.14 2.49
C LYS A 34 -7.98 -4.28 3.47
N TYR A 35 -7.48 -4.12 4.69
CA TYR A 35 -7.70 -5.10 5.76
C TYR A 35 -9.19 -5.39 6.03
N PRO A 36 -10.06 -4.35 6.03
CA PRO A 36 -11.47 -4.69 6.25
C PRO A 36 -12.14 -5.43 5.09
N LEU A 37 -11.68 -5.22 3.86
CA LEU A 37 -12.35 -5.79 2.69
C LEU A 37 -11.67 -7.04 2.14
N LEU A 38 -10.82 -7.67 2.95
CA LEU A 38 -10.07 -8.84 2.50
C LEU A 38 -10.97 -10.02 2.14
N ASP A 39 -12.12 -10.13 2.80
CA ASP A 39 -13.06 -11.22 2.53
C ASP A 39 -13.59 -11.15 1.10
N ASP A 40 -14.04 -9.98 0.69
CA ASP A 40 -14.62 -9.79 -0.64
C ASP A 40 -13.57 -9.86 -1.74
N ILE A 41 -12.36 -9.40 -1.44
CA ILE A 41 -11.28 -9.40 -2.41
C ILE A 41 -10.80 -10.81 -2.76
N LYS A 42 -10.53 -11.62 -1.74
CA LYS A 42 -9.95 -12.94 -1.92
C LYS A 42 -10.87 -13.90 -2.68
N ARG A 43 -12.18 -13.73 -2.50
CA ARG A 43 -13.19 -14.56 -3.13
C ARG A 43 -13.33 -14.24 -4.63
N HIS A 44 -13.06 -12.99 -4.97
CA HIS A 44 -13.21 -12.51 -6.34
C HIS A 44 -11.85 -12.38 -7.04
N LEU A 45 -10.77 -12.70 -6.32
CA LEU A 45 -9.43 -12.64 -6.90
C LEU A 45 -9.06 -13.98 -7.53
N PRO A 46 -8.83 -13.97 -8.84
CA PRO A 46 -8.46 -15.19 -9.59
C PRO A 46 -7.14 -15.79 -9.09
N LYS A 47 -7.01 -17.11 -9.21
CA LYS A 47 -5.79 -17.79 -8.79
C LYS A 47 -4.71 -17.71 -9.86
N GLY A 48 -3.45 -17.80 -9.45
CA GLY A 48 -2.34 -17.74 -10.36
C GLY A 48 -1.01 -17.99 -9.67
N GLU A 49 0.07 -17.98 -10.44
CA GLU A 49 1.39 -18.21 -9.89
C GLU A 49 1.97 -16.94 -9.27
N CYS A 50 1.65 -15.79 -9.86
CA CYS A 50 2.19 -14.53 -9.38
C CYS A 50 1.09 -13.48 -9.20
N LEU A 51 1.19 -12.72 -8.12
CA LEU A 51 0.26 -11.61 -7.88
C LEU A 51 0.99 -10.28 -8.06
N VAL A 52 0.43 -9.42 -8.90
CA VAL A 52 1.02 -8.10 -9.12
C VAL A 52 0.17 -7.01 -8.49
N GLU A 53 0.79 -6.24 -7.59
CA GLU A 53 0.11 -5.10 -6.96
C GLU A 53 0.79 -3.79 -7.32
N PRO A 54 0.21 -3.06 -8.29
CA PRO A 54 0.73 -1.76 -8.72
C PRO A 54 0.62 -0.69 -7.64
N PHE A 55 -0.30 -0.88 -6.71
CA PHE A 55 -0.51 0.07 -5.61
C PHE A 55 -0.42 -0.67 -4.26
N VAL A 56 0.74 -1.24 -3.97
CA VAL A 56 0.86 -2.19 -2.86
C VAL A 56 0.55 -1.56 -1.49
N GLY A 57 0.98 -0.32 -1.29
CA GLY A 57 0.78 0.37 -0.03
C GLY A 57 1.31 -0.43 1.15
N ALA A 58 0.46 -0.64 2.15
CA ALA A 58 0.84 -1.39 3.35
C ALA A 58 0.88 -2.89 3.07
N GLY A 59 0.32 -3.31 1.93
CA GLY A 59 0.40 -4.68 1.50
C GLY A 59 -0.49 -5.66 2.25
N SER A 60 -1.71 -5.25 2.56
CA SER A 60 -2.64 -6.11 3.28
C SER A 60 -3.02 -7.34 2.47
N VAL A 61 -3.21 -7.17 1.17
CA VAL A 61 -3.58 -8.27 0.29
C VAL A 61 -2.40 -9.24 0.15
N PHE A 62 -1.21 -8.69 -0.04
CA PHE A 62 0.00 -9.48 -0.15
C PHE A 62 0.25 -10.31 1.11
N LEU A 63 -0.04 -9.73 2.27
CA LEU A 63 0.17 -10.41 3.53
C LEU A 63 -0.91 -11.44 3.84
N ASN A 64 -2.04 -11.36 3.14
CA ASN A 64 -3.16 -12.25 3.42
C ASN A 64 -3.56 -13.11 2.21
N THR A 65 -2.61 -13.34 1.31
CA THR A 65 -2.83 -14.28 0.21
C THR A 65 -1.69 -15.29 0.18
N ASP A 66 -1.79 -16.26 -0.73
CA ASP A 66 -0.78 -17.31 -0.81
C ASP A 66 -0.39 -17.61 -2.25
N PHE A 67 0.18 -16.62 -2.92
CA PHE A 67 0.73 -16.83 -4.26
C PHE A 67 2.16 -17.34 -4.15
N SER A 68 2.63 -18.00 -5.21
CA SER A 68 3.99 -18.54 -5.22
C SER A 68 5.01 -17.41 -5.20
N ARG A 69 4.70 -16.31 -5.86
CA ARG A 69 5.57 -15.14 -5.86
C ARG A 69 4.77 -13.86 -6.08
N TYR A 70 5.37 -12.72 -5.75
CA TYR A 70 4.70 -11.44 -5.86
C TYR A 70 5.57 -10.40 -6.57
N ILE A 71 4.90 -9.48 -7.27
CA ILE A 71 5.55 -8.28 -7.78
C ILE A 71 4.82 -7.07 -7.20
N LEU A 72 5.44 -6.45 -6.20
CA LEU A 72 4.79 -5.38 -5.45
C LEU A 72 5.42 -4.02 -5.80
N ALA A 73 4.58 -3.07 -6.18
CA ALA A 73 5.08 -1.77 -6.61
C ALA A 73 4.28 -0.61 -6.02
N ASP A 74 4.93 0.54 -5.92
CA ASP A 74 4.31 1.75 -5.39
C ASP A 74 5.13 2.96 -5.82
N ILE A 75 4.47 4.11 -5.92
CA ILE A 75 5.16 5.33 -6.34
C ILE A 75 5.97 5.92 -5.18
N ASN A 76 5.68 5.48 -3.96
CA ASN A 76 6.36 5.97 -2.78
C ASN A 76 7.73 5.31 -2.61
N SER A 77 8.79 6.08 -2.84
CA SER A 77 10.15 5.56 -2.80
C SER A 77 10.60 5.20 -1.38
N ASP A 78 10.13 5.96 -0.39
CA ASP A 78 10.44 5.68 1.00
C ASP A 78 9.83 4.35 1.43
N LEU A 79 8.63 4.08 0.94
CA LEU A 79 7.91 2.84 1.24
C LEU A 79 8.63 1.63 0.67
N ILE A 80 8.96 1.70 -0.62
CA ILE A 80 9.64 0.62 -1.31
C ILE A 80 11.03 0.38 -0.72
N SER A 81 11.73 1.47 -0.39
CA SER A 81 13.04 1.36 0.23
C SER A 81 12.96 0.66 1.57
N LEU A 82 11.94 1.01 2.35
CA LEU A 82 11.70 0.39 3.65
C LEU A 82 11.48 -1.12 3.51
N TYR A 83 10.67 -1.51 2.53
CA TYR A 83 10.37 -2.91 2.29
C TYR A 83 11.60 -3.71 1.92
N ASN A 84 12.49 -3.12 1.12
CA ASN A 84 13.74 -3.78 0.75
C ASN A 84 14.63 -4.00 1.96
N ILE A 85 14.67 -3.01 2.85
CA ILE A 85 15.48 -3.09 4.07
C ILE A 85 14.96 -4.17 5.01
N VAL A 86 13.66 -4.17 5.25
CA VAL A 86 13.03 -5.15 6.13
C VAL A 86 13.24 -6.57 5.63
N LYS A 87 13.14 -6.75 4.31
CA LYS A 87 13.31 -8.06 3.69
C LYS A 87 14.74 -8.58 3.82
N MET A 88 15.71 -7.74 3.45
CA MET A 88 17.10 -8.14 3.36
C MET A 88 17.85 -8.08 4.69
N ARG A 89 17.48 -7.14 5.55
CA ARG A 89 18.17 -6.94 6.81
C ARG A 89 17.19 -6.94 7.97
N THR A 90 16.48 -8.06 8.13
CA THR A 90 15.36 -8.16 9.07
C THR A 90 15.76 -7.95 10.53
N ASP A 91 16.58 -8.86 11.06
CA ASP A 91 16.99 -8.81 12.46
C ASP A 91 17.67 -7.50 12.82
N GLU A 92 18.52 -7.02 11.92
CA GLU A 92 19.22 -5.76 12.11
C GLU A 92 18.24 -4.59 12.21
N TYR A 93 17.23 -4.59 11.35
CA TYR A 93 16.25 -3.52 11.32
C TYR A 93 15.36 -3.52 12.56
N VAL A 94 14.84 -4.70 12.91
CA VAL A 94 13.93 -4.83 14.05
C VAL A 94 14.60 -4.36 15.34
N GLN A 95 15.84 -4.74 15.55
CA GLN A 95 16.59 -4.35 16.73
C GLN A 95 16.79 -2.83 16.77
N ALA A 96 17.08 -2.24 15.62
CA ALA A 96 17.31 -0.80 15.52
C ALA A 96 16.01 -0.02 15.68
N ALA A 97 14.95 -0.50 15.04
CA ALA A 97 13.65 0.16 15.09
C ALA A 97 13.03 0.06 16.49
N ARG A 98 13.37 -1.01 17.20
CA ARG A 98 12.83 -1.24 18.54
C ARG A 98 13.30 -0.18 19.53
N GLU A 99 14.49 0.37 19.27
CA GLU A 99 15.08 1.38 20.16
C GLU A 99 14.23 2.66 20.22
N LEU A 100 13.50 2.94 19.14
CA LEU A 100 12.76 4.20 19.04
C LEU A 100 11.37 4.14 19.66
N PHE A 101 10.94 2.93 20.00
CA PHE A 101 9.61 2.73 20.58
C PHE A 101 9.72 2.56 22.10
N VAL A 102 10.32 3.56 22.72
CA VAL A 102 10.46 3.64 24.17
C VAL A 102 9.67 4.85 24.65
N PRO A 103 9.29 4.89 25.95
CA PRO A 103 8.50 6.01 26.48
C PRO A 103 9.12 7.38 26.25
N GLU A 104 10.44 7.47 26.23
CA GLU A 104 11.12 8.76 26.11
C GLU A 104 10.96 9.41 24.74
N THR A 105 10.62 8.61 23.73
CA THR A 105 10.49 9.13 22.37
C THR A 105 9.07 9.60 22.06
N ASN A 106 8.16 9.40 23.01
CA ASN A 106 6.77 9.78 22.79
C ASN A 106 6.49 11.19 23.26
N CYS A 107 7.16 12.17 22.66
CA CYS A 107 6.89 13.57 22.91
C CYS A 107 7.24 14.40 21.68
N ALA A 108 6.67 15.59 21.58
CA ALA A 108 6.77 16.41 20.38
C ALA A 108 8.21 16.77 20.03
N GLU A 109 8.98 17.24 21.00
CA GLU A 109 10.33 17.73 20.76
C GLU A 109 11.26 16.64 20.22
N VAL A 110 11.08 15.41 20.70
CA VAL A 110 11.86 14.28 20.21
C VAL A 110 11.38 13.88 18.82
N TYR A 111 10.06 13.92 18.62
CA TYR A 111 9.46 13.57 17.34
C TYR A 111 9.96 14.47 16.20
N TYR A 112 9.97 15.78 16.44
CA TYR A 112 10.30 16.72 15.38
C TYR A 112 11.79 16.69 15.03
N GLN A 113 12.64 16.27 15.96
CA GLN A 113 14.05 16.10 15.67
C GLN A 113 14.28 14.84 14.85
N PHE A 114 13.54 13.78 15.19
CA PHE A 114 13.59 12.53 14.43
C PHE A 114 13.07 12.75 13.01
N ARG A 115 12.04 13.58 12.88
CA ARG A 115 11.50 13.91 11.57
C ARG A 115 12.52 14.69 10.76
N GLU A 116 13.23 15.60 11.42
CA GLU A 116 14.28 16.38 10.77
C GLU A 116 15.46 15.48 10.40
N GLU A 117 15.81 14.56 11.28
CA GLU A 117 16.89 13.62 11.01
C GLU A 117 16.55 12.75 9.81
N PHE A 118 15.28 12.35 9.72
CA PHE A 118 14.80 11.56 8.59
C PHE A 118 14.95 12.32 7.28
N ASN A 119 14.49 13.58 7.26
CA ASN A 119 14.52 14.38 6.05
C ASN A 119 15.93 14.76 5.61
N LYS A 120 16.87 14.77 6.55
CA LYS A 120 18.25 15.14 6.25
C LYS A 120 19.15 13.93 6.04
N SER A 121 18.65 12.75 6.40
CA SER A 121 19.42 11.52 6.26
C SER A 121 19.54 11.09 4.81
N GLN A 122 20.73 10.61 4.45
CA GLN A 122 20.95 10.06 3.11
C GLN A 122 21.25 8.56 3.21
N ASP A 123 21.02 7.99 4.39
CA ASP A 123 21.21 6.57 4.60
C ASP A 123 19.86 5.84 4.60
N PRO A 124 19.67 4.92 3.64
CA PRO A 124 18.43 4.15 3.49
C PRO A 124 18.02 3.38 4.74
N PHE A 125 18.99 2.80 5.44
CA PHE A 125 18.69 2.03 6.65
C PHE A 125 18.15 2.93 7.76
N ARG A 126 18.85 4.03 8.03
CA ARG A 126 18.43 4.96 9.08
C ARG A 126 17.08 5.59 8.74
N ARG A 127 16.89 5.92 7.46
CA ARG A 127 15.62 6.47 7.01
C ARG A 127 14.48 5.48 7.23
N ALA A 128 14.75 4.21 6.91
CA ALA A 128 13.77 3.15 7.09
C ALA A 128 13.41 2.97 8.57
N VAL A 129 14.41 3.08 9.42
CA VAL A 129 14.19 2.99 10.86
C VAL A 129 13.30 4.13 11.35
N LEU A 130 13.63 5.34 10.93
CA LEU A 130 12.90 6.53 11.33
C LEU A 130 11.51 6.58 10.70
N PHE A 131 11.37 6.02 9.50
CA PHE A 131 10.09 6.03 8.79
C PHE A 131 9.01 5.29 9.59
N LEU A 132 9.39 4.18 10.21
CA LEU A 132 8.45 3.41 11.01
C LEU A 132 8.02 4.17 12.26
N TYR A 133 8.97 4.85 12.90
CA TYR A 133 8.68 5.68 14.06
C TYR A 133 7.70 6.78 13.70
N LEU A 134 7.97 7.48 12.60
CA LEU A 134 7.13 8.59 12.16
C LEU A 134 5.73 8.10 11.79
N ASN A 135 5.64 6.90 11.25
CA ASN A 135 4.35 6.33 10.87
C ASN A 135 3.50 5.96 12.08
N ARG A 136 4.15 5.58 13.17
CA ARG A 136 3.47 5.10 14.37
C ARG A 136 3.29 6.18 15.45
N TYR A 137 4.07 7.25 15.33
CA TYR A 137 4.00 8.35 16.29
C TYR A 137 3.41 9.60 15.66
N GLY A 138 3.28 9.60 14.33
CA GLY A 138 2.77 10.75 13.60
C GLY A 138 1.26 10.92 13.63
N TYR A 139 0.80 12.14 13.35
CA TYR A 139 -0.62 12.51 13.40
C TYR A 139 -1.46 11.64 12.46
N ASN A 140 -2.41 10.91 13.04
CA ASN A 140 -3.33 10.03 12.30
C ASN A 140 -2.66 9.00 11.39
N GLY A 141 -1.38 8.72 11.64
CA GLY A 141 -0.65 7.79 10.78
C GLY A 141 -0.52 8.29 9.37
N LEU A 142 -0.56 9.61 9.21
CA LEU A 142 -0.50 10.25 7.91
C LEU A 142 0.86 10.06 7.23
N CYS A 143 0.85 10.02 5.90
CA CYS A 143 2.08 10.09 5.13
C CYS A 143 1.96 11.26 4.17
N ARG A 144 2.62 12.36 4.50
CA ARG A 144 2.51 13.59 3.72
C ARG A 144 3.87 14.22 3.49
N TYR A 145 4.11 14.65 2.26
CA TYR A 145 5.36 15.31 1.89
C TYR A 145 5.10 16.69 1.33
N ASN A 146 6.09 17.57 1.41
CA ASN A 146 6.05 18.82 0.64
C ASN A 146 6.72 18.57 -0.71
N LEU A 147 6.79 19.61 -1.54
CA LEU A 147 7.33 19.46 -2.88
C LEU A 147 8.85 19.27 -2.87
N ARG A 148 9.46 19.49 -1.71
CA ARG A 148 10.89 19.27 -1.56
C ARG A 148 11.18 17.82 -1.19
N GLY A 149 10.13 17.03 -1.06
CA GLY A 149 10.27 15.63 -0.71
C GLY A 149 10.43 15.41 0.78
N GLU A 150 10.12 16.45 1.56
CA GLU A 150 10.28 16.38 3.01
C GLU A 150 9.01 15.91 3.71
N PHE A 151 9.15 14.94 4.59
CA PHE A 151 8.06 14.47 5.43
C PHE A 151 7.66 15.55 6.42
N ASN A 152 6.41 15.98 6.40
CA ASN A 152 5.98 17.09 7.26
C ASN A 152 4.69 16.83 8.05
N VAL A 153 4.53 15.60 8.53
CA VAL A 153 3.39 15.27 9.38
C VAL A 153 3.72 15.59 10.83
N PRO A 154 2.82 16.34 11.51
CA PRO A 154 3.04 16.74 12.90
C PRO A 154 2.93 15.58 13.90
N PHE A 155 3.25 15.85 15.16
CA PHE A 155 3.22 14.85 16.22
C PHE A 155 1.80 14.33 16.45
N GLY A 156 1.69 13.03 16.72
CA GLY A 156 0.40 12.37 16.82
C GLY A 156 -0.24 12.35 18.20
N ARG A 157 0.57 12.57 19.24
CA ARG A 157 0.09 12.59 20.62
C ARG A 157 -0.67 11.33 21.01
N TYR A 158 -0.19 10.18 20.57
CA TYR A 158 -0.78 8.90 20.98
C TYR A 158 -0.33 8.52 22.38
N LYS A 159 -1.16 7.77 23.09
CA LYS A 159 -0.84 7.38 24.45
C LYS A 159 0.26 6.33 24.50
N LYS A 160 0.16 5.34 23.63
CA LYS A 160 1.13 4.24 23.60
C LYS A 160 1.21 3.58 22.23
N PRO A 161 2.07 4.12 21.37
CA PRO A 161 2.31 3.55 20.04
C PRO A 161 2.81 2.11 20.11
N TYR A 162 2.27 1.25 19.25
CA TYR A 162 2.60 -0.17 19.25
C TYR A 162 3.72 -0.48 18.27
N PHE A 163 4.74 -1.19 18.74
CA PHE A 163 5.83 -1.63 17.88
C PHE A 163 5.49 -2.98 17.27
N PRO A 164 5.23 -2.98 15.95
CA PRO A 164 4.75 -4.18 15.23
C PRO A 164 5.87 -5.17 14.93
N GLU A 165 6.48 -5.74 15.96
CA GLU A 165 7.58 -6.68 15.78
C GLU A 165 7.11 -7.96 15.09
N ALA A 166 5.96 -8.47 15.52
CA ALA A 166 5.41 -9.69 14.94
C ALA A 166 5.05 -9.48 13.47
N GLU A 167 4.45 -8.33 13.17
CA GLU A 167 4.06 -8.00 11.80
C GLU A 167 5.28 -7.79 10.90
N LEU A 168 6.37 -7.29 11.50
CA LEU A 168 7.59 -7.05 10.75
C LEU A 168 8.24 -8.35 10.28
N TYR A 169 8.36 -9.32 11.20
CA TYR A 169 8.98 -10.60 10.88
C TYR A 169 8.13 -11.40 9.88
N HIS A 170 6.81 -11.30 10.02
CA HIS A 170 5.91 -11.98 9.10
C HIS A 170 6.01 -11.36 7.70
N PHE A 171 6.17 -10.05 7.65
CA PHE A 171 6.32 -9.35 6.38
C PHE A 171 7.60 -9.81 5.69
N ALA A 172 8.71 -9.78 6.41
CA ALA A 172 10.00 -10.16 5.88
C ALA A 172 10.00 -11.62 5.43
N GLU A 173 9.27 -12.45 6.17
CA GLU A 173 9.15 -13.87 5.83
C GLU A 173 8.42 -14.04 4.51
N LYS A 174 7.31 -13.33 4.33
CA LYS A 174 6.55 -13.38 3.08
C LYS A 174 7.26 -12.65 1.94
N ALA A 175 8.09 -11.67 2.30
CA ALA A 175 8.77 -10.86 1.30
C ALA A 175 9.85 -11.64 0.55
N GLN A 176 10.22 -12.79 1.07
CA GLN A 176 11.25 -13.62 0.47
C GLN A 176 10.86 -14.09 -0.93
N ASN A 177 9.55 -14.11 -1.19
CA ASN A 177 9.03 -14.52 -2.49
C ASN A 177 8.49 -13.33 -3.28
N ALA A 178 8.95 -12.13 -2.94
CA ALA A 178 8.44 -10.93 -3.58
C ALA A 178 9.55 -10.00 -4.03
N PHE A 179 9.30 -9.31 -5.14
CA PHE A 179 10.19 -8.25 -5.61
C PHE A 179 9.49 -6.90 -5.46
N PHE A 180 10.23 -5.90 -5.02
CA PHE A 180 9.66 -4.57 -4.80
C PHE A 180 10.20 -3.56 -5.82
N TYR A 181 9.31 -2.74 -6.36
CA TYR A 181 9.69 -1.75 -7.35
C TYR A 181 9.07 -0.40 -7.04
N CYS A 182 9.85 0.67 -7.20
CA CYS A 182 9.31 2.01 -7.10
C CYS A 182 9.03 2.56 -8.49
N GLU A 183 7.78 2.43 -8.93
CA GLU A 183 7.40 2.84 -10.27
C GLU A 183 5.89 3.08 -10.34
N SER A 184 5.44 3.77 -11.37
CA SER A 184 4.02 4.06 -11.54
C SER A 184 3.30 2.81 -12.03
N TYR A 185 1.97 2.84 -11.97
CA TYR A 185 1.14 1.67 -12.25
C TYR A 185 1.34 1.12 -13.66
N ALA A 186 1.60 2.01 -14.62
CA ALA A 186 1.77 1.60 -16.00
C ALA A 186 2.96 0.66 -16.18
N ASP A 187 4.04 0.95 -15.46
CA ASP A 187 5.27 0.16 -15.57
C ASP A 187 5.15 -1.19 -14.86
N SER A 188 4.48 -1.20 -13.70
CA SER A 188 4.36 -2.43 -12.92
C SER A 188 3.43 -3.44 -13.56
N MET A 189 2.34 -2.96 -14.17
CA MET A 189 1.39 -3.84 -14.83
C MET A 189 1.98 -4.41 -16.11
N ALA A 190 2.99 -3.74 -16.65
CA ALA A 190 3.68 -4.21 -17.85
C ALA A 190 4.57 -5.40 -17.53
N ARG A 191 4.78 -5.66 -16.25
CA ARG A 191 5.60 -6.79 -15.81
C ARG A 191 4.77 -8.07 -15.73
N ALA A 192 3.46 -7.94 -15.81
CA ALA A 192 2.55 -9.07 -15.65
C ALA A 192 2.74 -10.11 -16.76
N ASP A 193 2.85 -11.36 -16.36
CA ASP A 193 3.01 -12.46 -17.31
C ASP A 193 1.72 -13.28 -17.41
N ASP A 194 1.77 -14.38 -18.14
CA ASP A 194 0.61 -15.24 -18.34
C ASP A 194 0.25 -16.00 -17.07
N SER A 195 1.23 -16.12 -16.16
CA SER A 195 1.01 -16.81 -14.90
C SER A 195 0.75 -15.82 -13.78
N SER A 196 0.31 -14.61 -14.15
CA SER A 196 0.14 -13.54 -13.18
C SER A 196 -1.32 -13.12 -13.00
N VAL A 197 -1.63 -12.65 -11.79
CA VAL A 197 -2.90 -12.03 -11.49
C VAL A 197 -2.62 -10.61 -10.99
N VAL A 198 -3.40 -9.64 -11.45
CA VAL A 198 -3.16 -8.26 -11.07
C VAL A 198 -4.28 -7.68 -10.22
N TYR A 199 -3.93 -7.25 -9.01
CA TYR A 199 -4.88 -6.55 -8.15
C TYR A 199 -4.52 -5.09 -8.03
N CYS A 200 -5.42 -4.22 -8.49
CA CYS A 200 -5.19 -2.79 -8.44
C CYS A 200 -6.03 -2.12 -7.35
N ASP A 201 -5.35 -1.43 -6.43
CA ASP A 201 -6.01 -0.65 -5.37
C ASP A 201 -5.58 0.81 -5.50
N PRO A 202 -6.10 1.51 -6.51
CA PRO A 202 -5.70 2.91 -6.73
C PRO A 202 -6.26 3.84 -5.67
N PRO A 203 -5.73 5.08 -5.56
CA PRO A 203 -6.34 6.07 -4.67
C PRO A 203 -7.82 6.26 -5.01
N TYR A 204 -8.63 6.48 -3.98
CA TYR A 204 -10.08 6.57 -4.13
C TYR A 204 -10.52 7.60 -5.16
N ALA A 205 -11.51 7.23 -5.96
CA ALA A 205 -12.15 8.18 -6.86
C ALA A 205 -12.97 9.16 -6.05
N PRO A 206 -13.06 10.41 -6.51
CA PRO A 206 -13.80 11.43 -5.75
C PRO A 206 -15.29 11.15 -5.69
N LEU A 207 -15.91 11.51 -4.57
CA LEU A 207 -17.35 11.35 -4.41
C LEU A 207 -18.06 12.57 -4.95
N SER A 208 -17.41 13.72 -4.86
CA SER A 208 -17.96 14.98 -5.36
C SER A 208 -17.64 15.17 -6.83
N THR A 218 -1.99 20.30 -8.80
CA THR A 218 -1.86 19.61 -7.54
C THR A 218 -1.04 18.32 -7.68
N ASN A 219 -1.25 17.38 -6.78
CA ASN A 219 -0.44 16.16 -6.75
C ASN A 219 -1.27 14.88 -6.85
N SER A 220 -2.58 15.03 -6.65
CA SER A 220 -3.48 13.87 -6.51
C SER A 220 -3.53 12.94 -7.71
N PHE A 221 -4.09 11.75 -7.47
CA PHE A 221 -4.33 10.77 -8.53
C PHE A 221 -5.48 11.25 -9.40
N THR A 222 -5.15 11.63 -10.63
CA THR A 222 -6.11 12.33 -11.50
C THR A 222 -7.20 11.41 -12.07
N LEU A 223 -8.29 12.03 -12.51
CA LEU A 223 -9.37 11.30 -13.16
C LEU A 223 -8.89 10.64 -14.45
N GLU A 224 -7.93 11.29 -15.10
CA GLU A 224 -7.33 10.75 -16.31
C GLU A 224 -6.60 9.44 -16.00
N GLN A 225 -5.88 9.43 -14.89
CA GLN A 225 -5.16 8.23 -14.46
C GLN A 225 -6.12 7.12 -14.06
N GLN A 226 -7.23 7.49 -13.43
CA GLN A 226 -8.26 6.54 -13.04
C GLN A 226 -8.83 5.84 -14.27
N ALA A 227 -9.02 6.60 -15.34
CA ALA A 227 -9.53 6.07 -16.59
C ALA A 227 -8.47 5.27 -17.33
N HIS A 228 -7.23 5.70 -17.22
CA HIS A 228 -6.10 5.03 -17.87
C HIS A 228 -5.87 3.64 -17.26
N LEU A 229 -6.07 3.54 -15.94
CA LEU A 229 -5.89 2.28 -15.23
C LEU A 229 -6.84 1.21 -15.77
N ALA A 230 -8.08 1.59 -16.01
CA ALA A 230 -9.08 0.68 -16.55
C ALA A 230 -8.71 0.28 -17.97
N GLU A 231 -8.14 1.21 -18.72
CA GLU A 231 -7.74 0.95 -20.10
C GLU A 231 -6.62 -0.09 -20.16
N ILE A 232 -5.65 0.03 -19.27
CA ILE A 232 -4.56 -0.95 -19.18
C ILE A 232 -5.10 -2.30 -18.73
N ALA A 233 -6.07 -2.27 -17.81
CA ALA A 233 -6.73 -3.48 -17.35
C ALA A 233 -7.43 -4.20 -18.49
N GLU A 234 -8.01 -3.42 -19.41
CA GLU A 234 -8.67 -3.98 -20.58
C GLU A 234 -7.67 -4.67 -21.51
N GLY A 235 -6.47 -4.14 -21.57
CA GLY A 235 -5.43 -4.71 -22.42
C GLY A 235 -4.89 -6.03 -21.88
N LEU A 236 -4.77 -6.10 -20.55
CA LEU A 236 -4.21 -7.27 -19.91
C LEU A 236 -5.14 -8.48 -20.03
N VAL A 237 -6.43 -8.26 -19.83
CA VAL A 237 -7.41 -9.34 -19.93
C VAL A 237 -7.55 -9.78 -21.38
N GLU A 238 -7.29 -8.87 -22.31
CA GLU A 238 -7.24 -9.21 -23.73
C GLU A 238 -6.03 -10.09 -24.02
N ARG A 239 -5.06 -10.05 -23.12
CA ARG A 239 -3.88 -10.91 -23.20
C ARG A 239 -3.99 -12.08 -22.23
N HIS A 240 -5.21 -12.37 -21.80
CA HIS A 240 -5.50 -13.47 -20.88
C HIS A 240 -4.79 -13.32 -19.54
N ILE A 241 -4.76 -12.10 -19.02
CA ILE A 241 -4.23 -11.86 -17.67
C ILE A 241 -5.32 -11.26 -16.80
N PRO A 242 -5.75 -12.01 -15.77
CA PRO A 242 -6.84 -11.57 -14.88
C PRO A 242 -6.49 -10.33 -14.08
N VAL A 243 -7.42 -9.38 -14.02
CA VAL A 243 -7.20 -8.12 -13.30
C VAL A 243 -8.37 -7.79 -12.39
N LEU A 244 -8.08 -7.51 -11.12
CA LEU A 244 -9.10 -7.11 -10.15
C LEU A 244 -8.85 -5.69 -9.64
N ILE A 245 -9.87 -4.84 -9.70
CA ILE A 245 -9.75 -3.46 -9.28
C ILE A 245 -10.79 -3.11 -8.21
N SER A 246 -10.35 -2.44 -7.15
CA SER A 246 -11.25 -2.02 -6.09
C SER A 246 -11.28 -0.49 -5.98
N ASN A 247 -12.47 0.05 -5.73
CA ASN A 247 -12.66 1.49 -5.60
C ASN A 247 -14.01 1.81 -4.99
N HIS A 248 -14.30 3.09 -4.80
CA HIS A 248 -15.63 3.52 -4.36
C HIS A 248 -16.67 3.18 -5.41
N ASP A 249 -17.91 2.95 -4.97
CA ASP A 249 -19.00 2.72 -5.91
C ASP A 249 -19.68 4.04 -6.25
N THR A 250 -19.22 4.66 -7.33
CA THR A 250 -19.82 5.90 -7.81
C THR A 250 -20.20 5.77 -9.28
N MET A 251 -20.77 6.83 -9.84
CA MET A 251 -21.17 6.85 -11.24
C MET A 251 -19.95 6.82 -12.15
N LEU A 252 -18.86 7.45 -11.70
CA LEU A 252 -17.63 7.51 -12.48
C LEU A 252 -16.92 6.16 -12.54
N THR A 253 -16.85 5.48 -11.41
CA THR A 253 -16.17 4.19 -11.33
C THR A 253 -16.90 3.12 -12.14
N ARG A 254 -18.23 3.21 -12.16
CA ARG A 254 -19.03 2.29 -12.97
C ARG A 254 -18.80 2.55 -14.45
N GLU A 255 -18.48 3.79 -14.79
CA GLU A 255 -18.20 4.16 -16.18
C GLU A 255 -16.82 3.67 -16.61
N TRP A 256 -15.84 3.83 -15.74
CA TRP A 256 -14.48 3.42 -16.02
C TRP A 256 -14.37 1.90 -16.14
N TYR A 257 -15.08 1.19 -15.26
CA TYR A 257 -14.99 -0.26 -15.20
C TYR A 257 -16.20 -0.94 -15.85
N GLN A 258 -16.73 -0.32 -16.89
CA GLN A 258 -17.96 -0.80 -17.52
C GLN A 258 -17.76 -2.10 -18.30
N ARG A 259 -16.51 -2.46 -18.56
CA ARG A 259 -16.21 -3.67 -19.31
C ARG A 259 -15.85 -4.83 -18.39
N ALA A 260 -16.12 -4.65 -17.10
CA ALA A 260 -15.81 -5.68 -16.11
C ALA A 260 -17.03 -6.10 -15.31
N LYS A 261 -16.98 -7.31 -14.75
CA LYS A 261 -18.04 -7.80 -13.88
C LYS A 261 -17.99 -7.04 -12.56
N LEU A 262 -19.06 -6.30 -12.28
CA LEU A 262 -19.08 -5.43 -11.12
C LEU A 262 -19.70 -6.11 -9.92
N HIS A 263 -19.04 -5.95 -8.78
CA HIS A 263 -19.44 -6.59 -7.54
C HIS A 263 -19.48 -5.57 -6.39
N VAL A 264 -20.70 -5.24 -5.97
CA VAL A 264 -20.91 -4.21 -4.96
C VAL A 264 -20.75 -4.75 -3.54
N VAL A 265 -19.78 -4.18 -2.82
CA VAL A 265 -19.57 -4.51 -1.42
C VAL A 265 -20.19 -3.45 -0.53
N LYS A 266 -21.13 -3.86 0.33
CA LYS A 266 -21.79 -2.92 1.23
C LYS A 266 -21.00 -2.69 2.52
N VAL A 267 -20.11 -1.71 2.50
CA VAL A 267 -19.51 -1.19 3.72
C VAL A 267 -19.82 0.29 3.80
N ARG A 268 -21.10 0.58 4.05
CA ARG A 268 -21.72 1.90 3.91
C ARG A 268 -20.87 3.11 4.31
N ARG A 269 -20.45 3.12 5.56
CA ARG A 269 -19.59 4.16 6.12
C ARG A 269 -20.10 5.57 5.83
N ARG A 278 -23.85 14.35 4.30
CA ARG A 278 -23.81 13.07 5.00
C ARG A 278 -24.39 11.95 4.15
N LYS A 279 -23.54 11.25 3.41
CA LYS A 279 -23.98 10.16 2.55
C LYS A 279 -23.23 8.86 2.88
N LYS A 280 -23.81 7.74 2.46
CA LYS A 280 -23.19 6.44 2.70
C LYS A 280 -22.55 5.93 1.41
N VAL A 281 -21.31 5.44 1.53
CA VAL A 281 -20.55 5.04 0.36
C VAL A 281 -20.28 3.53 0.31
N ASP A 282 -20.70 2.90 -0.78
CA ASP A 282 -20.42 1.48 -1.00
C ASP A 282 -19.09 1.32 -1.74
N GLU A 283 -18.52 0.13 -1.68
CA GLU A 283 -17.29 -0.16 -2.41
C GLU A 283 -17.56 -1.04 -3.62
N LEU A 284 -16.67 -0.96 -4.60
CA LEU A 284 -16.86 -1.69 -5.86
C LEU A 284 -15.65 -2.54 -6.22
N LEU A 285 -15.90 -3.80 -6.55
CA LEU A 285 -14.85 -4.70 -7.03
C LEU A 285 -15.04 -4.99 -8.51
N ALA A 286 -14.14 -4.48 -9.33
CA ALA A 286 -14.22 -4.67 -10.78
C ALA A 286 -13.28 -5.77 -11.23
N LEU A 287 -13.85 -6.87 -11.69
CA LEU A 287 -13.06 -8.03 -12.12
C LEU A 287 -13.02 -8.19 -13.63
N TYR A 288 -11.81 -8.23 -14.18
CA TYR A 288 -11.62 -8.51 -15.59
C TYR A 288 -11.16 -9.95 -15.79
N LYS A 289 -12.12 -10.83 -16.05
CA LYS A 289 -11.80 -12.25 -16.19
C LYS A 289 -11.65 -12.64 -17.66
N PRO A 290 -10.58 -13.38 -17.97
CA PRO A 290 -10.32 -13.84 -19.35
C PRO A 290 -11.21 -15.02 -19.76
N SFG D . -3.92 -1.50 -0.99
CA SFG D . -2.98 -0.80 -0.21
C SFG D . -2.98 -1.35 1.19
O SFG D . -2.27 -0.81 2.07
OXT SFG D . -3.68 -2.39 1.47
CB SFG D . -3.36 0.68 -0.16
CG SFG D . -3.11 1.33 -1.51
CD SFG D . -3.25 2.79 -1.37
NE SFG D . -4.60 3.12 -1.04
C5' SFG D . -2.87 3.50 -2.71
C4' SFG D . -1.34 3.38 -2.97
O4' SFG D . -1.11 3.60 -4.22
C3' SFG D . -0.58 4.45 -2.19
O3' SFG D . 0.36 3.87 -1.40
C2' SFG D . 0.10 5.33 -3.26
O2' SFG D . 1.47 5.75 -2.79
C1' SFG D . 0.18 4.56 -4.29
N9 SFG D . 0.15 5.32 -5.51
C8 SFG D . -0.32 6.56 -5.69
N7 SFG D . -0.16 6.89 -6.99
C5 SFG D . 0.43 5.84 -7.62
C6 SFG D . 0.80 5.64 -8.93
N6 SFG D . 0.71 6.49 -10.07
N1 SFG D . 1.38 4.47 -9.30
C2 SFG D . 1.56 3.49 -8.38
N3 SFG D . 1.20 3.69 -7.09
C4 SFG D . 0.62 4.87 -6.71
C1 EDO E . 9.77 21.06 9.03
O1 EDO E . 9.08 22.28 8.72
C2 EDO E . 9.46 20.03 7.96
O2 EDO E . 9.92 20.49 6.69
#